data_9J2N
#
_entry.id   9J2N
#
_cell.length_a   1.00
_cell.length_b   1.00
_cell.length_c   1.00
_cell.angle_alpha   90.00
_cell.angle_beta   90.00
_cell.angle_gamma   90.00
#
_symmetry.space_group_name_H-M   'P 1'
#
loop_
_entity.id
_entity.type
_entity.pdbx_description
1 polymer 'Solute carrier family 2, facilitated glucose transporter member 7'
2 non-polymer 2-acetamido-2-deoxy-beta-D-glucopyranose
#
_entity_poly.entity_id   1
_entity_poly.type   'polypeptide(L)'
_entity_poly.pdbx_seq_one_letter_code
;MENKEAGTPPPIPSREGRLQPTLLLATLSAAFGSAFQYGYNLSVVNTPHKVFKSFYNETYFERHATFMDGKLMLLLWSCT
VSMFPLGGLLGSLLVGLLVDSCGRKGTLLINNIFAIIPAILMGVSKVAKAFELIVFSRVVLGVCAGISYSALPMYLGELA
PKNLRGMVGTMTEVFVIVGVFLAQIFSLQAILGNPAGWPVLLALTGVPALLQLLTLPFFPESPRYSLIQKGDEATARQAL
RRLRGHTDMEAELEDMRAEARAERAEGHLSVLHLCALRSLRWQLLSIIVLMAGQQLSGINAINYYADTIYTSAGVEAAHS
QYVTVGSGVVNIVMTITSAVLVERLGRRHLLLAGYGICGSACLVLTVVLLFQNRVPELSYLGIICVFAYIAGHSIGPSPV
PSVVRTEIFLQSSRRAAFMVDGAVHWLTNFIIGFLFPSIQEAIGAYSFIIFAGICLLTAIYIYVVIPETKGKTFVEINRI
FAKRNRVKLPEEKEETIDAGPPTASPAKETSF
;
_entity_poly.pdbx_strand_id   A
#
loop_
_chem_comp.id
_chem_comp.type
_chem_comp.name
_chem_comp.formula
NAG D-saccharide, beta linking 2-acetamido-2-deoxy-beta-D-glucopyranose 'C8 H15 N O6'
#
# COMPACT_ATOMS: atom_id res chain seq x y z
N ARG A 18 -7.27 -4.25 -18.26
CA ARG A 18 -8.61 -4.82 -18.22
C ARG A 18 -9.35 -4.57 -19.53
N LEU A 19 -9.50 -5.62 -20.34
CA LEU A 19 -10.19 -5.54 -21.62
C LEU A 19 -11.63 -6.02 -21.53
N GLN A 20 -11.85 -7.24 -21.02
CA GLN A 20 -13.19 -7.76 -20.86
C GLN A 20 -13.92 -6.98 -19.77
N PRO A 21 -15.26 -6.88 -19.86
CA PRO A 21 -15.99 -6.10 -18.86
C PRO A 21 -16.13 -6.83 -17.53
N THR A 22 -16.22 -8.16 -17.58
CA THR A 22 -16.29 -8.93 -16.33
C THR A 22 -15.00 -8.76 -15.52
N LEU A 23 -13.85 -8.85 -16.18
CA LEU A 23 -12.58 -8.69 -15.49
C LEU A 23 -12.44 -7.27 -14.92
N LEU A 24 -12.83 -6.26 -15.70
CA LEU A 24 -12.74 -4.90 -15.21
C LEU A 24 -13.64 -4.67 -14.00
N LEU A 25 -14.88 -5.16 -14.07
CA LEU A 25 -15.79 -5.00 -12.93
C LEU A 25 -15.28 -5.75 -11.71
N ALA A 26 -14.76 -6.96 -11.88
CA ALA A 26 -14.23 -7.72 -10.76
C ALA A 26 -13.04 -7.00 -10.13
N THR A 27 -12.14 -6.47 -10.96
CA THR A 27 -10.98 -5.75 -10.44
C THR A 27 -11.41 -4.51 -9.68
N LEU A 28 -12.35 -3.75 -10.24
CA LEU A 28 -12.82 -2.54 -9.56
C LEU A 28 -13.47 -2.88 -8.23
N SER A 29 -14.33 -3.91 -8.20
CA SER A 29 -15.00 -4.29 -6.97
C SER A 29 -14.01 -4.79 -5.92
N ALA A 30 -13.02 -5.58 -6.33
CA ALA A 30 -12.05 -6.10 -5.37
C ALA A 30 -11.16 -4.99 -4.82
N ALA A 31 -10.69 -4.08 -5.68
CA ALA A 31 -9.76 -3.07 -5.24
C ALA A 31 -10.45 -1.96 -4.45
N PHE A 32 -11.68 -1.60 -4.81
CA PHE A 32 -12.34 -0.48 -4.16
C PHE A 32 -12.71 -0.79 -2.71
N GLY A 33 -12.91 -2.07 -2.39
CA GLY A 33 -13.32 -2.41 -1.04
C GLY A 33 -12.19 -2.90 -0.16
N SER A 34 -11.01 -3.09 -0.75
CA SER A 34 -9.87 -3.66 -0.03
C SER A 34 -8.73 -2.67 0.12
N ALA A 35 -8.22 -2.12 -0.98
CA ALA A 35 -7.11 -1.17 -0.91
C ALA A 35 -7.56 0.16 -0.32
N PHE A 36 -8.81 0.55 -0.59
CA PHE A 36 -9.32 1.80 -0.06
C PHE A 36 -9.29 1.80 1.46
N GLN A 37 -9.56 0.64 2.08
CA GLN A 37 -9.44 0.54 3.53
C GLN A 37 -8.03 0.90 3.99
N TYR A 38 -7.02 0.31 3.35
CA TYR A 38 -5.64 0.59 3.71
C TYR A 38 -5.35 2.07 3.60
N GLY A 39 -5.64 2.67 2.45
CA GLY A 39 -5.31 4.08 2.26
C GLY A 39 -6.06 5.00 3.20
N TYR A 40 -7.38 4.79 3.31
CA TYR A 40 -8.22 5.64 4.14
C TYR A 40 -7.81 5.58 5.59
N ASN A 41 -7.73 4.38 6.16
CA ASN A 41 -7.35 4.28 7.56
C ASN A 41 -5.89 4.65 7.78
N LEU A 42 -5.07 4.64 6.73
CA LEU A 42 -3.69 5.09 6.88
C LEU A 42 -3.64 6.60 7.06
N SER A 43 -4.36 7.36 6.22
CA SER A 43 -4.32 8.82 6.31
C SER A 43 -5.76 9.36 6.40
N VAL A 44 -6.32 9.31 7.60
CA VAL A 44 -7.60 9.96 7.90
C VAL A 44 -7.46 10.68 9.23
N VAL A 45 -6.39 10.37 9.95
CA VAL A 45 -6.23 10.83 11.33
C VAL A 45 -5.21 11.97 11.46
N ASN A 46 -4.22 12.04 10.58
CA ASN A 46 -3.15 13.03 10.74
C ASN A 46 -3.69 14.45 10.71
N THR A 47 -4.62 14.73 9.79
CA THR A 47 -5.10 16.12 9.63
C THR A 47 -6.00 16.56 10.78
N PRO A 48 -7.12 15.85 11.12
CA PRO A 48 -8.03 16.32 12.15
C PRO A 48 -7.65 15.84 13.56
N HIS A 49 -6.40 16.03 13.93
CA HIS A 49 -5.91 15.55 15.22
C HIS A 49 -6.50 16.34 16.39
N LYS A 50 -6.67 17.66 16.22
CA LYS A 50 -7.15 18.48 17.32
C LYS A 50 -8.56 18.08 17.74
N VAL A 51 -9.40 17.69 16.78
CA VAL A 51 -10.77 17.30 17.09
C VAL A 51 -10.79 16.05 17.97
N PHE A 52 -9.96 15.05 17.62
CA PHE A 52 -9.89 13.85 18.43
C PHE A 52 -9.30 14.15 19.80
N LYS A 53 -8.30 15.04 19.86
CA LYS A 53 -7.80 15.50 21.15
C LYS A 53 -8.93 16.04 22.02
N SER A 54 -9.72 16.95 21.46
CA SER A 54 -10.80 17.57 22.20
C SER A 54 -11.82 16.54 22.65
N PHE A 55 -12.19 15.61 21.76
CA PHE A 55 -13.19 14.60 22.13
C PHE A 55 -12.67 13.70 23.24
N TYR A 56 -11.40 13.31 23.18
CA TYR A 56 -10.82 12.52 24.26
C TYR A 56 -10.90 13.27 25.57
N ASN A 57 -10.54 14.55 25.55
CA ASN A 57 -10.51 15.30 26.79
C ASN A 57 -11.91 15.50 27.36
N GLU A 58 -12.91 15.72 26.48
CA GLU A 58 -14.30 15.85 26.95
C GLU A 58 -14.83 14.53 27.51
N THR A 59 -14.50 13.40 26.87
CA THR A 59 -14.92 12.12 27.42
C THR A 59 -14.31 11.91 28.80
N TYR A 60 -13.03 12.26 28.96
CA TYR A 60 -12.38 12.10 30.26
C TYR A 60 -12.99 13.03 31.30
N PHE A 61 -13.31 14.27 30.90
CA PHE A 61 -14.02 15.16 31.81
C PHE A 61 -15.35 14.59 32.26
N GLU A 62 -16.14 14.04 31.33
CA GLU A 62 -17.44 13.48 31.69
C GLU A 62 -17.27 12.29 32.64
N ARG A 63 -16.26 11.45 32.39
CA ARG A 63 -16.10 10.24 33.19
C ARG A 63 -15.58 10.56 34.59
N HIS A 64 -14.56 11.42 34.69
CA HIS A 64 -13.88 11.64 35.96
C HIS A 64 -14.11 13.02 36.57
N ALA A 65 -14.88 13.89 35.93
CA ALA A 65 -15.18 15.22 36.44
C ALA A 65 -13.93 16.05 36.66
N THR A 66 -12.87 15.77 35.89
CA THR A 66 -11.64 16.56 35.97
C THR A 66 -10.82 16.35 34.71
N PHE A 67 -9.91 17.28 34.46
CA PHE A 67 -8.98 17.17 33.35
C PHE A 67 -7.94 16.09 33.65
N MET A 68 -7.18 15.72 32.63
CA MET A 68 -6.05 14.81 32.83
C MET A 68 -4.79 15.40 32.23
N ASP A 69 -3.66 14.80 32.58
CA ASP A 69 -2.35 15.33 32.24
C ASP A 69 -2.13 15.29 30.72
N GLY A 70 -1.36 16.27 30.24
CA GLY A 70 -1.04 16.30 28.82
C GLY A 70 -0.17 15.13 28.39
N LYS A 71 0.57 14.55 29.33
CA LYS A 71 1.35 13.35 29.02
C LYS A 71 0.43 12.20 28.62
N LEU A 72 -0.71 12.06 29.30
CA LEU A 72 -1.67 11.03 28.93
C LEU A 72 -2.31 11.34 27.59
N MET A 73 -2.57 12.62 27.31
CA MET A 73 -2.96 13.02 25.95
C MET A 73 -1.96 12.53 24.92
N LEU A 74 -0.68 12.81 25.13
CA LEU A 74 0.33 12.43 24.15
C LEU A 74 0.41 10.91 24.00
N LEU A 75 0.37 10.18 25.12
CA LEU A 75 0.46 8.72 25.06
C LEU A 75 -0.74 8.13 24.34
N LEU A 76 -1.95 8.59 24.67
CA LEU A 76 -3.14 8.05 24.02
C LEU A 76 -3.16 8.38 22.53
N TRP A 77 -2.75 9.60 22.17
CA TRP A 77 -2.72 9.95 20.75
C TRP A 77 -1.69 9.14 20.00
N SER A 78 -0.50 8.95 20.58
CA SER A 78 0.51 8.13 19.93
C SER A 78 0.01 6.71 19.76
N CYS A 79 -0.68 6.17 20.76
CA CYS A 79 -1.24 4.83 20.64
C CYS A 79 -2.26 4.76 19.52
N THR A 80 -3.22 5.68 19.49
CA THR A 80 -4.30 5.60 18.51
C THR A 80 -3.82 5.94 17.11
N VAL A 81 -2.65 6.58 17.00
CA VAL A 81 -2.13 6.90 15.67
C VAL A 81 -1.09 5.89 15.19
N SER A 82 -0.52 5.09 16.10
CA SER A 82 0.52 4.15 15.72
C SER A 82 0.11 2.69 15.87
N MET A 83 -1.09 2.40 16.40
CA MET A 83 -1.54 1.02 16.40
C MET A 83 -1.91 0.53 15.00
N PHE A 84 -2.15 1.45 14.06
CA PHE A 84 -2.45 1.03 12.69
C PHE A 84 -1.27 0.31 12.04
N PRO A 85 -0.02 0.80 12.11
CA PRO A 85 1.09 -0.04 11.62
C PRO A 85 1.22 -1.37 12.34
N LEU A 86 0.98 -1.40 13.65
CA LEU A 86 1.05 -2.66 14.38
C LEU A 86 -0.06 -3.61 13.94
N GLY A 87 -1.27 -3.09 13.76
CA GLY A 87 -2.35 -3.91 13.22
C GLY A 87 -2.03 -4.41 11.82
N GLY A 88 -1.42 -3.56 11.01
CA GLY A 88 -1.04 -3.98 9.67
C GLY A 88 -0.01 -5.10 9.68
N LEU A 89 0.98 -5.00 10.56
CA LEU A 89 1.97 -6.06 10.70
C LEU A 89 1.32 -7.36 11.15
N LEU A 90 0.41 -7.37 12.11
CA LEU A 90 -0.16 -8.64 12.52
C LEU A 90 -0.96 -9.21 11.40
N GLY A 91 -1.68 -8.35 10.70
CA GLY A 91 -2.52 -8.81 9.62
C GLY A 91 -1.71 -9.40 8.51
N SER A 92 -0.53 -8.86 8.26
CA SER A 92 0.32 -9.36 7.21
C SER A 92 0.75 -10.78 7.47
N LEU A 93 0.98 -11.11 8.73
CA LEU A 93 1.41 -12.43 9.10
C LEU A 93 0.22 -13.33 9.32
N LEU A 94 -0.97 -12.82 9.06
CA LEU A 94 -2.19 -13.60 9.23
C LEU A 94 -2.74 -14.01 7.89
N VAL A 95 -2.43 -13.24 6.86
CA VAL A 95 -2.96 -13.54 5.54
C VAL A 95 -2.57 -14.97 5.28
N GLY A 96 -1.49 -15.42 5.88
CA GLY A 96 -1.03 -16.76 5.68
C GLY A 96 -2.08 -17.77 6.05
N LEU A 97 -2.57 -17.69 7.26
CA LEU A 97 -3.53 -18.68 7.73
C LEU A 97 -4.83 -18.65 6.93
N LEU A 98 -5.10 -17.57 6.19
CA LEU A 98 -6.35 -17.41 5.49
C LEU A 98 -6.25 -17.56 3.98
N VAL A 99 -5.14 -17.17 3.37
CA VAL A 99 -5.06 -17.12 1.92
C VAL A 99 -5.18 -18.52 1.33
N ASP A 100 -4.38 -19.47 1.82
CA ASP A 100 -4.43 -20.82 1.28
C ASP A 100 -5.60 -21.62 1.83
N SER A 101 -6.32 -21.10 2.81
CA SER A 101 -7.48 -21.78 3.36
C SER A 101 -8.77 -21.39 2.66
N CYS A 102 -8.86 -20.15 2.15
CA CYS A 102 -10.11 -19.68 1.55
C CYS A 102 -9.90 -19.08 0.17
N GLY A 103 -8.74 -19.27 -0.46
CA GLY A 103 -8.53 -18.63 -1.73
C GLY A 103 -8.48 -17.12 -1.57
N ARG A 104 -8.00 -16.44 -2.60
CA ARG A 104 -8.01 -14.99 -2.57
C ARG A 104 -9.43 -14.47 -2.39
N LYS A 105 -10.42 -15.17 -2.95
CA LYS A 105 -11.80 -14.73 -2.84
C LYS A 105 -12.28 -14.75 -1.39
N GLY A 106 -12.31 -15.93 -0.76
CA GLY A 106 -12.77 -15.99 0.61
C GLY A 106 -11.93 -15.16 1.55
N THR A 107 -10.63 -15.03 1.27
CA THR A 107 -9.79 -14.19 2.12
C THR A 107 -10.24 -12.72 2.04
N LEU A 108 -10.47 -12.23 0.82
CA LEU A 108 -10.96 -10.85 0.68
C LEU A 108 -12.34 -10.68 1.30
N LEU A 109 -13.18 -11.70 1.22
CA LEU A 109 -14.52 -11.60 1.79
C LEU A 109 -14.47 -11.56 3.31
N ILE A 110 -13.66 -12.43 3.92
CA ILE A 110 -13.51 -12.41 5.37
C ILE A 110 -12.84 -11.13 5.82
N ASN A 111 -11.97 -10.56 4.99
CA ASN A 111 -11.34 -9.28 5.30
C ASN A 111 -12.37 -8.17 5.49
N ASN A 112 -13.56 -8.32 4.93
CA ASN A 112 -14.58 -7.29 5.06
C ASN A 112 -15.19 -7.22 6.46
N ILE A 113 -15.15 -8.31 7.22
CA ILE A 113 -15.66 -8.27 8.59
C ILE A 113 -14.80 -7.35 9.45
N PHE A 114 -13.47 -7.47 9.32
CA PHE A 114 -12.55 -6.64 10.07
C PHE A 114 -12.53 -5.19 9.58
N ALA A 115 -13.35 -4.84 8.59
CA ALA A 115 -13.53 -3.45 8.19
C ALA A 115 -14.95 -2.95 8.44
N ILE A 116 -15.92 -3.85 8.53
CA ILE A 116 -17.30 -3.46 8.82
C ILE A 116 -17.52 -3.31 10.32
N ILE A 117 -17.04 -4.27 11.12
CA ILE A 117 -17.24 -4.19 12.57
C ILE A 117 -16.56 -2.96 13.18
N PRO A 118 -15.27 -2.69 12.93
CA PRO A 118 -14.68 -1.46 13.49
C PRO A 118 -15.31 -0.19 12.95
N ALA A 119 -15.82 -0.21 11.72
CA ALA A 119 -16.51 0.97 11.20
C ALA A 119 -17.74 1.28 12.05
N ILE A 120 -18.53 0.25 12.37
CA ILE A 120 -19.69 0.46 13.23
C ILE A 120 -19.25 0.88 14.63
N LEU A 121 -18.17 0.29 15.13
CA LEU A 121 -17.70 0.64 16.47
C LEU A 121 -17.29 2.12 16.54
N MET A 122 -16.59 2.62 15.52
CA MET A 122 -16.24 4.03 15.48
C MET A 122 -17.46 4.91 15.25
N GLY A 123 -18.43 4.43 14.47
CA GLY A 123 -19.63 5.20 14.25
C GLY A 123 -20.41 5.45 15.52
N VAL A 124 -20.72 4.37 16.25
CA VAL A 124 -21.35 4.51 17.57
C VAL A 124 -20.21 4.56 18.59
N SER A 125 -19.59 5.73 18.69
CA SER A 125 -18.54 5.95 19.66
C SER A 125 -18.81 7.22 20.45
N LYS A 126 -19.33 8.25 19.78
CA LYS A 126 -19.61 9.52 20.45
C LYS A 126 -20.74 9.38 21.45
N VAL A 127 -21.85 8.75 21.02
CA VAL A 127 -22.96 8.52 21.94
C VAL A 127 -22.57 7.53 23.02
N ALA A 128 -21.75 6.53 22.67
CA ALA A 128 -21.22 5.59 23.65
C ALA A 128 -20.26 6.23 24.63
N LYS A 129 -19.69 7.38 24.28
CA LYS A 129 -18.84 8.16 25.17
C LYS A 129 -17.64 7.34 25.66
N ALA A 130 -16.91 6.77 24.71
CA ALA A 130 -15.72 5.99 25.01
C ALA A 130 -14.75 6.07 23.85
N PHE A 131 -13.54 6.54 24.11
CA PHE A 131 -12.54 6.65 23.06
C PHE A 131 -11.94 5.29 22.79
N GLU A 132 -12.06 4.38 23.73
CA GLU A 132 -11.44 3.09 23.55
C GLU A 132 -11.87 2.50 22.24
N LEU A 133 -13.17 2.53 21.98
CA LEU A 133 -13.67 1.95 20.76
C LEU A 133 -12.93 2.57 19.59
N ILE A 134 -12.48 3.81 19.71
CA ILE A 134 -11.66 4.38 18.64
C ILE A 134 -10.23 3.87 18.66
N VAL A 135 -9.71 3.48 19.82
CA VAL A 135 -8.38 2.91 19.90
C VAL A 135 -8.35 1.44 19.49
N PHE A 136 -9.36 0.65 19.85
CA PHE A 136 -9.40 -0.76 19.49
C PHE A 136 -9.75 -0.95 18.02
N SER A 137 -10.65 -0.11 17.49
CA SER A 137 -11.02 -0.23 16.09
C SER A 137 -9.86 0.14 15.18
N ARG A 138 -8.92 0.97 15.65
CA ARG A 138 -7.73 1.23 14.86
C ARG A 138 -6.88 -0.03 14.70
N VAL A 139 -6.74 -0.82 15.77
CA VAL A 139 -6.02 -2.10 15.66
C VAL A 139 -6.76 -3.03 14.72
N VAL A 140 -8.08 -3.10 14.85
CA VAL A 140 -8.85 -4.00 13.99
C VAL A 140 -8.72 -3.58 12.52
N LEU A 141 -8.82 -2.29 12.25
CA LEU A 141 -8.68 -1.79 10.88
C LEU A 141 -7.27 -1.97 10.36
N GLY A 142 -6.26 -1.91 11.23
CA GLY A 142 -4.91 -2.22 10.80
C GLY A 142 -4.76 -3.67 10.40
N VAL A 143 -5.38 -4.58 11.16
CA VAL A 143 -5.38 -5.99 10.78
C VAL A 143 -6.07 -6.17 9.42
N CYS A 144 -7.21 -5.50 9.24
CA CYS A 144 -7.91 -5.57 7.96
C CYS A 144 -7.04 -5.03 6.81
N ALA A 145 -6.36 -3.91 7.04
CA ALA A 145 -5.50 -3.33 6.02
C ALA A 145 -4.33 -4.23 5.67
N GLY A 146 -3.73 -4.88 6.66
CA GLY A 146 -2.64 -5.82 6.39
C GLY A 146 -3.11 -7.01 5.59
N ILE A 147 -4.25 -7.58 5.98
CA ILE A 147 -4.80 -8.71 5.23
C ILE A 147 -5.11 -8.29 3.79
N SER A 148 -5.71 -7.11 3.63
CA SER A 148 -6.02 -6.62 2.29
C SER A 148 -4.77 -6.39 1.46
N TYR A 149 -3.76 -5.75 2.05
CA TYR A 149 -2.55 -5.44 1.29
C TYR A 149 -1.79 -6.69 0.91
N SER A 150 -1.91 -7.76 1.70
CA SER A 150 -1.23 -8.99 1.36
C SER A 150 -2.09 -9.96 0.55
N ALA A 151 -3.38 -9.70 0.40
CA ALA A 151 -4.26 -10.59 -0.35
C ALA A 151 -4.71 -10.04 -1.69
N LEU A 152 -5.04 -8.75 -1.77
CA LEU A 152 -5.52 -8.17 -3.03
C LEU A 152 -4.53 -8.30 -4.18
N PRO A 153 -3.23 -8.06 -4.00
CA PRO A 153 -2.31 -8.28 -5.13
C PRO A 153 -2.34 -9.71 -5.66
N MET A 154 -2.48 -10.70 -4.78
CA MET A 154 -2.57 -12.09 -5.25
C MET A 154 -3.79 -12.28 -6.14
N TYR A 155 -4.95 -11.81 -5.68
CA TYR A 155 -6.17 -11.96 -6.46
C TYR A 155 -6.06 -11.26 -7.81
N LEU A 156 -5.57 -10.02 -7.81
CA LEU A 156 -5.49 -9.26 -9.05
C LEU A 156 -4.48 -9.88 -10.01
N GLY A 157 -3.33 -10.34 -9.50
CA GLY A 157 -2.33 -10.94 -10.37
C GLY A 157 -2.78 -12.28 -10.94
N GLU A 158 -3.43 -13.11 -10.12
CA GLU A 158 -3.88 -14.41 -10.61
C GLU A 158 -5.09 -14.28 -11.53
N LEU A 159 -5.89 -13.23 -11.35
CA LEU A 159 -7.07 -13.04 -12.19
C LEU A 159 -6.68 -12.62 -13.60
N ALA A 160 -5.73 -11.69 -13.72
CA ALA A 160 -5.41 -11.09 -15.01
C ALA A 160 -4.52 -12.00 -15.85
N PRO A 161 -4.65 -11.94 -17.16
CA PRO A 161 -3.70 -12.63 -18.05
C PRO A 161 -2.37 -11.87 -18.10
N LYS A 162 -1.39 -12.51 -18.73
CA LYS A 162 -0.05 -11.93 -18.78
C LYS A 162 -0.04 -10.60 -19.53
N ASN A 163 -0.81 -10.50 -20.61
CA ASN A 163 -0.79 -9.28 -21.42
C ASN A 163 -1.31 -8.08 -20.65
N LEU A 164 -2.23 -8.30 -19.70
CA LEU A 164 -2.80 -7.21 -18.92
C LEU A 164 -2.53 -7.37 -17.43
N ARG A 165 -1.50 -8.14 -17.06
CA ARG A 165 -1.19 -8.34 -15.64
C ARG A 165 -0.73 -7.07 -14.95
N GLY A 166 0.04 -6.23 -15.63
CA GLY A 166 0.58 -5.03 -15.01
C GLY A 166 -0.47 -4.03 -14.57
N MET A 167 -1.43 -3.72 -15.43
CA MET A 167 -2.46 -2.74 -15.07
C MET A 167 -3.32 -3.24 -13.92
N VAL A 168 -3.75 -4.50 -13.98
CA VAL A 168 -4.59 -5.05 -12.92
C VAL A 168 -3.82 -5.10 -11.61
N GLY A 169 -2.55 -5.50 -11.67
CA GLY A 169 -1.73 -5.50 -10.46
C GLY A 169 -1.54 -4.11 -9.89
N THR A 170 -1.34 -3.11 -10.76
CA THR A 170 -1.17 -1.74 -10.32
C THR A 170 -2.45 -1.14 -9.75
N MET A 171 -3.60 -1.70 -10.12
CA MET A 171 -4.87 -1.20 -9.58
C MET A 171 -4.88 -1.21 -8.06
N THR A 172 -4.13 -2.12 -7.44
CA THR A 172 -3.97 -2.12 -5.98
C THR A 172 -3.51 -0.76 -5.48
N GLU A 173 -2.34 -0.31 -5.93
CA GLU A 173 -1.83 0.97 -5.48
C GLU A 173 -2.65 2.13 -6.04
N VAL A 174 -3.25 1.96 -7.21
CA VAL A 174 -4.12 3.00 -7.76
C VAL A 174 -5.24 3.31 -6.78
N PHE A 175 -5.91 2.26 -6.28
CA PHE A 175 -7.01 2.48 -5.35
C PHE A 175 -6.52 2.79 -3.94
N VAL A 176 -5.29 2.39 -3.59
CA VAL A 176 -4.71 2.86 -2.33
C VAL A 176 -4.58 4.37 -2.36
N ILE A 177 -4.04 4.91 -3.46
CA ILE A 177 -3.89 6.35 -3.58
C ILE A 177 -5.25 7.02 -3.71
N VAL A 178 -6.21 6.35 -4.35
CA VAL A 178 -7.57 6.89 -4.42
C VAL A 178 -8.15 7.04 -3.02
N GLY A 179 -8.00 6.01 -2.19
CA GLY A 179 -8.48 6.11 -0.82
C GLY A 179 -7.76 7.18 -0.02
N VAL A 180 -6.45 7.30 -0.22
CA VAL A 180 -5.70 8.33 0.49
C VAL A 180 -6.18 9.72 0.11
N PHE A 181 -6.38 9.95 -1.19
CA PHE A 181 -6.85 11.26 -1.65
C PHE A 181 -8.26 11.54 -1.16
N LEU A 182 -9.15 10.55 -1.21
CA LEU A 182 -10.51 10.75 -0.73
C LEU A 182 -10.53 11.04 0.77
N ALA A 183 -9.67 10.37 1.53
CA ALA A 183 -9.59 10.63 2.96
C ALA A 183 -9.03 12.02 3.24
N GLN A 184 -8.04 12.45 2.45
CA GLN A 184 -7.52 13.81 2.60
C GLN A 184 -8.58 14.85 2.30
N ILE A 185 -9.40 14.61 1.27
CA ILE A 185 -10.47 15.53 0.94
C ILE A 185 -11.52 15.56 2.05
N PHE A 186 -11.94 14.38 2.51
CA PHE A 186 -13.00 14.31 3.51
C PHE A 186 -12.53 14.72 4.90
N SER A 187 -11.21 14.77 5.13
CA SER A 187 -10.71 15.11 6.44
C SER A 187 -10.56 16.60 6.67
N LEU A 188 -10.85 17.43 5.67
CA LEU A 188 -10.74 18.87 5.83
C LEU A 188 -11.75 19.38 6.86
N GLN A 189 -11.42 20.51 7.47
CA GLN A 189 -12.28 21.07 8.51
C GLN A 189 -13.66 21.41 7.95
N ALA A 190 -13.72 21.90 6.71
CA ALA A 190 -14.99 22.30 6.13
C ALA A 190 -15.88 21.10 5.81
N ILE A 191 -15.29 19.95 5.49
CA ILE A 191 -16.08 18.83 4.99
C ILE A 191 -16.57 17.95 6.14
N LEU A 192 -15.64 17.32 6.87
CA LEU A 192 -16.03 16.41 7.93
C LEU A 192 -15.15 16.48 9.18
N GLY A 193 -14.19 17.41 9.24
CA GLY A 193 -13.38 17.57 10.43
C GLY A 193 -14.06 18.30 11.57
N ASN A 194 -15.39 18.39 11.54
CA ASN A 194 -16.14 19.11 12.56
C ASN A 194 -16.05 18.39 13.89
N PRO A 195 -16.24 19.10 15.01
CA PRO A 195 -16.34 18.40 16.30
C PRO A 195 -17.55 17.49 16.40
N ALA A 196 -18.57 17.74 15.57
CA ALA A 196 -19.75 16.88 15.50
C ALA A 196 -19.83 16.14 14.16
N GLY A 197 -18.75 16.12 13.39
CA GLY A 197 -18.75 15.46 12.11
C GLY A 197 -17.69 14.40 11.96
N TRP A 198 -16.86 14.22 12.99
CA TRP A 198 -15.81 13.20 12.95
C TRP A 198 -16.34 11.77 13.04
N PRO A 199 -17.45 11.48 13.74
CA PRO A 199 -17.96 10.10 13.68
C PRO A 199 -18.30 9.64 12.27
N VAL A 200 -18.89 10.52 11.46
CA VAL A 200 -19.19 10.17 10.07
C VAL A 200 -17.91 9.97 9.29
N LEU A 201 -16.90 10.82 9.53
CA LEU A 201 -15.62 10.67 8.85
C LEU A 201 -14.98 9.34 9.16
N LEU A 202 -15.02 8.92 10.43
CA LEU A 202 -14.41 7.65 10.81
C LEU A 202 -15.22 6.47 10.28
N ALA A 203 -16.56 6.59 10.27
CA ALA A 203 -17.41 5.48 9.84
C ALA A 203 -17.54 5.36 8.33
N LEU A 204 -17.10 6.37 7.57
CA LEU A 204 -17.18 6.28 6.12
C LEU A 204 -16.28 5.18 5.55
N THR A 205 -15.35 4.66 6.35
CA THR A 205 -14.47 3.60 5.87
C THR A 205 -15.17 2.27 5.70
N GLY A 206 -16.40 2.13 6.21
CA GLY A 206 -17.11 0.87 6.10
C GLY A 206 -18.02 0.76 4.89
N VAL A 207 -18.33 1.90 4.27
CA VAL A 207 -19.20 1.87 3.09
C VAL A 207 -18.57 1.10 1.93
N PRO A 208 -17.32 1.34 1.54
CA PRO A 208 -16.71 0.47 0.51
C PRO A 208 -16.64 -0.97 0.92
N ALA A 209 -16.45 -1.26 2.21
CA ALA A 209 -16.44 -2.64 2.67
C ALA A 209 -17.79 -3.30 2.45
N LEU A 210 -18.88 -2.60 2.79
CA LEU A 210 -20.22 -3.15 2.55
C LEU A 210 -20.49 -3.32 1.07
N LEU A 211 -20.07 -2.36 0.25
CA LEU A 211 -20.27 -2.47 -1.19
C LEU A 211 -19.53 -3.67 -1.76
N GLN A 212 -18.28 -3.88 -1.33
CA GLN A 212 -17.53 -5.04 -1.79
C GLN A 212 -18.18 -6.34 -1.31
N LEU A 213 -18.65 -6.37 -0.07
CA LEU A 213 -19.36 -7.55 0.42
C LEU A 213 -20.58 -7.85 -0.43
N LEU A 214 -21.29 -6.82 -0.88
CA LEU A 214 -22.47 -7.03 -1.70
C LEU A 214 -22.13 -7.43 -3.13
N THR A 215 -21.02 -6.94 -3.68
CA THR A 215 -20.72 -7.09 -5.10
C THR A 215 -19.79 -8.26 -5.42
N LEU A 216 -18.69 -8.39 -4.68
CA LEU A 216 -17.64 -9.34 -5.04
C LEU A 216 -18.09 -10.79 -5.23
N PRO A 217 -18.97 -11.38 -4.38
CA PRO A 217 -19.29 -12.80 -4.55
C PRO A 217 -19.86 -13.15 -5.92
N PHE A 218 -20.38 -12.16 -6.63
CA PHE A 218 -20.90 -12.39 -7.98
C PHE A 218 -19.81 -12.64 -9.01
N PHE A 219 -18.53 -12.42 -8.65
CA PHE A 219 -17.37 -12.53 -9.53
C PHE A 219 -16.62 -13.83 -9.25
N PRO A 220 -15.91 -14.37 -10.24
CA PRO A 220 -15.28 -15.68 -10.06
C PRO A 220 -14.02 -15.62 -9.23
N GLU A 221 -13.71 -16.75 -8.61
CA GLU A 221 -12.45 -16.94 -7.90
C GLU A 221 -11.30 -16.99 -8.91
N SER A 222 -10.11 -16.62 -8.44
CA SER A 222 -8.92 -16.63 -9.30
C SER A 222 -8.70 -18.03 -9.86
N PRO A 223 -8.63 -18.19 -11.18
CA PRO A 223 -8.53 -19.55 -11.74
C PRO A 223 -7.27 -20.28 -11.31
N ARG A 224 -6.17 -19.56 -11.11
CA ARG A 224 -4.90 -20.21 -10.78
C ARG A 224 -4.99 -20.95 -9.46
N TYR A 225 -5.57 -20.32 -8.45
CA TYR A 225 -5.71 -20.97 -7.15
C TYR A 225 -6.54 -22.23 -7.26
N SER A 226 -7.65 -22.17 -8.01
CA SER A 226 -8.51 -23.33 -8.17
C SER A 226 -7.79 -24.47 -8.88
N LEU A 227 -7.14 -24.21 -10.01
CA LEU A 227 -6.54 -25.32 -10.75
C LEU A 227 -5.27 -25.83 -10.10
N ILE A 228 -4.29 -24.97 -9.92
CA ILE A 228 -3.02 -25.38 -9.35
C ILE A 228 -3.15 -25.87 -7.91
N GLN A 229 -3.96 -25.23 -7.07
CA GLN A 229 -4.02 -25.58 -5.63
C GLN A 229 -5.17 -26.47 -5.15
N LYS A 230 -6.36 -26.26 -5.68
CA LYS A 230 -7.49 -27.10 -5.30
C LYS A 230 -7.71 -28.25 -6.28
N GLY A 231 -7.15 -28.15 -7.47
CA GLY A 231 -7.24 -29.23 -8.43
C GLY A 231 -8.44 -29.22 -9.35
N ASP A 232 -9.39 -28.33 -9.11
CA ASP A 232 -10.61 -28.34 -9.92
C ASP A 232 -10.47 -27.59 -11.22
N GLU A 233 -10.02 -28.29 -12.25
CA GLU A 233 -9.88 -27.66 -13.55
C GLU A 233 -11.22 -27.20 -14.08
N ALA A 234 -12.28 -27.92 -13.75
CA ALA A 234 -13.58 -27.57 -14.26
C ALA A 234 -13.96 -26.17 -13.88
N THR A 235 -13.81 -25.85 -12.60
CA THR A 235 -14.17 -24.52 -12.13
C THR A 235 -13.28 -23.50 -12.80
N ALA A 236 -12.01 -23.81 -12.91
CA ALA A 236 -11.10 -22.88 -13.51
C ALA A 236 -11.60 -22.54 -14.87
N ARG A 237 -12.08 -23.54 -15.59
CA ARG A 237 -12.51 -23.31 -16.96
C ARG A 237 -13.61 -22.27 -17.03
N GLN A 238 -14.62 -22.42 -16.18
CA GLN A 238 -15.73 -21.49 -16.25
C GLN A 238 -15.29 -20.09 -15.87
N ALA A 239 -14.50 -19.97 -14.82
CA ALA A 239 -14.06 -18.66 -14.38
C ALA A 239 -13.31 -18.01 -15.51
N LEU A 240 -12.43 -18.76 -16.15
CA LEU A 240 -11.66 -18.19 -17.25
C LEU A 240 -12.61 -17.82 -18.36
N ARG A 241 -13.61 -18.65 -18.61
CA ARG A 241 -14.54 -18.36 -19.67
C ARG A 241 -15.20 -17.04 -19.40
N ARG A 242 -15.58 -16.80 -18.16
CA ARG A 242 -16.22 -15.55 -17.80
C ARG A 242 -15.23 -14.39 -17.85
N LEU A 243 -14.07 -14.57 -17.24
CA LEU A 243 -13.09 -13.48 -17.19
C LEU A 243 -12.40 -13.26 -18.53
N ARG A 244 -11.91 -14.32 -19.16
CA ARG A 244 -11.17 -14.18 -20.41
C ARG A 244 -12.13 -13.98 -21.56
N GLY A 245 -13.42 -14.13 -21.28
CA GLY A 245 -14.42 -13.98 -22.33
C GLY A 245 -14.36 -15.11 -23.33
N HIS A 246 -14.30 -14.75 -24.60
CA HIS A 246 -14.27 -15.78 -25.63
C HIS A 246 -12.84 -16.15 -25.90
N THR A 247 -12.31 -15.73 -27.04
CA THR A 247 -10.92 -16.02 -27.38
C THR A 247 -10.62 -17.50 -27.21
N ASP A 248 -9.50 -17.81 -26.57
CA ASP A 248 -9.14 -19.20 -26.34
C ASP A 248 -8.50 -19.30 -24.98
N MET A 249 -8.62 -20.46 -24.35
CA MET A 249 -8.07 -20.62 -23.02
C MET A 249 -7.18 -21.84 -22.98
N GLU A 250 -7.17 -22.60 -24.06
CA GLU A 250 -6.41 -23.84 -24.04
C GLU A 250 -5.01 -23.57 -23.56
N ALA A 251 -4.37 -22.57 -24.13
CA ALA A 251 -2.99 -22.29 -23.76
C ALA A 251 -2.88 -21.84 -22.31
N GLU A 252 -3.76 -20.94 -21.92
CA GLU A 252 -3.71 -20.44 -20.55
C GLU A 252 -3.81 -21.60 -19.60
N LEU A 253 -4.70 -22.53 -19.88
CA LEU A 253 -4.91 -23.66 -18.98
C LEU A 253 -3.65 -24.49 -18.93
N GLU A 254 -2.97 -24.62 -20.07
CA GLU A 254 -1.77 -25.42 -20.10
C GLU A 254 -0.68 -24.78 -19.28
N ASP A 255 -0.60 -23.46 -19.32
CA ASP A 255 0.38 -22.77 -18.51
C ASP A 255 0.15 -23.09 -17.06
N MET A 256 -1.10 -23.02 -16.62
CA MET A 256 -1.40 -23.28 -15.23
C MET A 256 -1.02 -24.69 -14.91
N ARG A 257 -1.33 -25.61 -15.80
CA ARG A 257 -0.99 -27.02 -15.59
C ARG A 257 0.50 -27.23 -15.54
N ALA A 258 1.24 -26.53 -16.39
CA ALA A 258 2.68 -26.62 -16.38
C ALA A 258 3.23 -26.06 -15.09
N GLU A 259 2.80 -24.86 -14.74
CA GLU A 259 3.27 -24.25 -13.52
C GLU A 259 2.89 -25.13 -12.38
N ALA A 260 1.79 -25.85 -12.50
CA ALA A 260 1.49 -26.77 -11.41
C ALA A 260 2.45 -27.95 -11.40
N ARG A 261 2.73 -28.51 -12.59
CA ARG A 261 3.65 -29.65 -12.68
C ARG A 261 5.05 -29.27 -12.23
N ALA A 262 5.54 -28.11 -12.67
CA ALA A 262 6.88 -27.67 -12.27
C ALA A 262 6.94 -27.42 -10.77
N GLU A 263 5.91 -26.80 -10.20
CA GLU A 263 5.90 -26.54 -8.77
C GLU A 263 5.88 -27.85 -7.98
N ARG A 264 5.10 -28.83 -8.44
CA ARG A 264 5.07 -30.13 -7.77
C ARG A 264 6.43 -30.82 -7.87
N ALA A 265 7.08 -30.74 -9.03
CA ALA A 265 8.36 -31.41 -9.22
C ALA A 265 9.45 -30.77 -8.35
N GLU A 266 9.47 -29.44 -8.27
CA GLU A 266 10.54 -28.75 -7.57
C GLU A 266 10.26 -28.58 -6.08
N GLY A 267 9.05 -28.13 -5.75
CA GLY A 267 8.68 -27.82 -4.38
C GLY A 267 8.28 -26.37 -4.23
N HIS A 268 7.82 -26.04 -3.03
CA HIS A 268 7.30 -24.72 -2.74
C HIS A 268 7.79 -24.23 -1.37
N LEU A 269 7.82 -22.91 -1.22
CA LEU A 269 8.20 -22.31 0.04
C LEU A 269 7.18 -22.62 1.13
N SER A 270 7.66 -22.87 2.35
CA SER A 270 6.79 -23.23 3.46
C SER A 270 7.17 -22.53 4.76
N VAL A 271 7.69 -21.30 4.67
CA VAL A 271 8.02 -20.47 5.82
C VAL A 271 9.10 -21.10 6.67
N LEU A 272 8.86 -22.32 7.16
CA LEU A 272 9.81 -23.00 8.03
C LEU A 272 11.10 -23.36 7.31
N HIS A 273 11.12 -23.31 5.98
CA HIS A 273 12.26 -23.71 5.17
C HIS A 273 12.60 -22.62 4.16
N LEU A 274 12.69 -21.38 4.63
CA LEU A 274 13.04 -20.26 3.75
C LEU A 274 14.43 -20.46 3.15
N CYS A 275 15.40 -20.85 3.97
CA CYS A 275 16.76 -21.07 3.48
C CYS A 275 16.92 -22.38 2.73
N ALA A 276 16.09 -23.38 3.03
CA ALA A 276 16.23 -24.68 2.39
C ALA A 276 16.01 -24.59 0.88
N LEU A 277 15.01 -23.83 0.45
CA LEU A 277 14.71 -23.66 -0.97
C LEU A 277 15.66 -22.59 -1.51
N ARG A 278 16.80 -23.04 -2.03
CA ARG A 278 17.82 -22.12 -2.53
C ARG A 278 17.37 -21.42 -3.81
N SER A 279 16.42 -22.00 -4.55
CA SER A 279 16.06 -21.45 -5.86
C SER A 279 15.45 -20.06 -5.73
N LEU A 280 14.66 -19.82 -4.68
CA LEU A 280 13.94 -18.57 -4.52
C LEU A 280 14.61 -17.62 -3.53
N ARG A 281 15.85 -17.89 -3.14
CA ARG A 281 16.53 -17.03 -2.18
C ARG A 281 16.73 -15.63 -2.74
N TRP A 282 17.19 -15.54 -4.00
CA TRP A 282 17.40 -14.23 -4.62
C TRP A 282 16.09 -13.49 -4.78
N GLN A 283 15.02 -14.21 -5.10
CA GLN A 283 13.70 -13.57 -5.23
C GLN A 283 13.21 -13.03 -3.90
N LEU A 284 13.41 -13.79 -2.82
CA LEU A 284 13.05 -13.30 -1.49
C LEU A 284 13.84 -12.05 -1.13
N LEU A 285 15.14 -12.06 -1.40
CA LEU A 285 15.96 -10.88 -1.15
C LEU A 285 15.46 -9.70 -1.99
N SER A 286 15.09 -9.94 -3.24
CA SER A 286 14.63 -8.88 -4.11
C SER A 286 13.35 -8.24 -3.59
N ILE A 287 12.39 -9.06 -3.16
CA ILE A 287 11.14 -8.49 -2.67
C ILE A 287 11.36 -7.75 -1.36
N ILE A 288 12.24 -8.27 -0.49
CA ILE A 288 12.54 -7.59 0.76
C ILE A 288 13.17 -6.23 0.49
N VAL A 289 14.13 -6.19 -0.44
CA VAL A 289 14.78 -4.93 -0.78
C VAL A 289 13.79 -3.97 -1.43
N LEU A 290 12.90 -4.49 -2.28
CA LEU A 290 11.90 -3.63 -2.92
C LEU A 290 11.01 -2.95 -1.89
N MET A 291 10.48 -3.67 -0.90
CA MET A 291 9.52 -3.04 0.03
C MET A 291 10.16 -2.04 0.97
N ALA A 292 11.38 -2.30 1.41
CA ALA A 292 12.08 -1.39 2.30
C ALA A 292 12.45 -0.12 1.61
N GLY A 293 12.82 -0.22 0.35
CA GLY A 293 13.15 0.96 -0.42
C GLY A 293 11.95 1.81 -0.75
N GLN A 294 10.76 1.31 -0.46
CA GLN A 294 9.55 2.07 -0.69
C GLN A 294 9.27 2.89 0.52
N GLN A 295 9.42 2.30 1.69
CA GLN A 295 9.11 2.99 2.93
C GLN A 295 10.25 3.84 3.47
N LEU A 296 11.48 3.33 3.44
CA LEU A 296 12.63 4.05 3.96
C LEU A 296 13.29 4.95 2.96
N SER A 297 12.60 5.34 1.91
CA SER A 297 13.24 6.12 0.85
C SER A 297 12.90 7.59 0.84
N GLY A 298 12.43 8.15 1.94
CA GLY A 298 12.21 9.59 2.00
C GLY A 298 10.82 10.17 2.07
N ILE A 299 9.80 9.37 1.81
CA ILE A 299 8.44 9.93 1.75
C ILE A 299 8.03 10.53 3.08
N ASN A 300 8.57 10.03 4.17
CA ASN A 300 8.25 10.58 5.46
C ASN A 300 8.81 11.99 5.58
N ALA A 301 10.01 12.21 5.08
CA ALA A 301 10.63 13.51 5.19
C ALA A 301 9.93 14.54 4.33
N ILE A 302 9.54 14.15 3.12
CA ILE A 302 8.88 15.09 2.25
C ILE A 302 7.63 15.53 2.96
N ASN A 303 6.99 14.61 3.66
CA ASN A 303 5.79 14.96 4.40
C ASN A 303 6.08 15.94 5.53
N TYR A 304 7.12 15.69 6.30
CA TYR A 304 7.44 16.56 7.43
C TYR A 304 7.93 17.91 6.98
N TYR A 305 8.63 17.95 5.86
CA TYR A 305 9.21 19.21 5.40
C TYR A 305 8.33 19.96 4.40
N ALA A 306 7.23 19.36 3.93
CA ALA A 306 6.40 20.02 2.93
C ALA A 306 5.79 21.30 3.48
N ASP A 307 5.30 21.27 4.71
CA ASP A 307 4.67 22.45 5.30
C ASP A 307 5.67 23.60 5.38
N THR A 308 6.88 23.31 5.84
CA THR A 308 7.92 24.35 5.91
C THR A 308 8.28 24.85 4.52
N ILE A 309 8.36 23.95 3.54
CA ILE A 309 8.73 24.36 2.18
C ILE A 309 7.67 25.30 1.60
N TYR A 310 6.39 24.95 1.77
CA TYR A 310 5.33 25.81 1.24
C TYR A 310 5.26 27.13 2.01
N THR A 311 5.51 27.10 3.32
CA THR A 311 5.53 28.34 4.09
C THR A 311 6.65 29.27 3.61
N SER A 312 7.83 28.72 3.37
CA SER A 312 8.93 29.53 2.85
C SER A 312 8.68 29.95 1.42
N ALA A 313 7.85 29.22 0.69
CA ALA A 313 7.55 29.53 -0.70
C ALA A 313 6.68 30.78 -0.85
N GLY A 314 6.15 31.31 0.24
CA GLY A 314 5.24 32.43 0.19
C GLY A 314 3.78 32.08 0.37
N VAL A 315 3.44 30.80 0.31
CA VAL A 315 2.06 30.37 0.55
C VAL A 315 1.73 30.58 2.02
N GLU A 316 0.61 31.23 2.30
CA GLU A 316 0.20 31.43 3.69
C GLU A 316 -0.16 30.11 4.31
N ALA A 317 -0.11 30.04 5.62
CA ALA A 317 -0.45 28.80 6.32
C ALA A 317 -1.89 28.42 6.07
N ALA A 318 -2.66 29.30 5.48
CA ALA A 318 -4.07 29.04 5.25
C ALA A 318 -4.30 28.35 3.93
N HIS A 319 -3.23 27.82 3.34
CA HIS A 319 -3.39 27.08 2.10
C HIS A 319 -2.39 25.94 2.04
N SER A 320 -1.60 25.77 3.09
CA SER A 320 -0.66 24.67 3.14
C SER A 320 -1.41 23.38 3.06
N GLN A 321 -2.73 23.45 3.20
CA GLN A 321 -3.53 22.27 3.04
C GLN A 321 -3.85 22.13 1.56
N TYR A 322 -4.54 23.10 0.97
CA TYR A 322 -4.83 23.09 -0.46
C TYR A 322 -3.63 22.55 -1.25
N VAL A 323 -2.42 22.92 -0.84
CA VAL A 323 -1.23 22.41 -1.52
C VAL A 323 -1.08 20.92 -1.28
N THR A 324 -1.43 20.44 -0.09
CA THR A 324 -1.42 19.00 0.17
C THR A 324 -2.44 18.28 -0.71
N VAL A 325 -3.61 18.87 -0.90
CA VAL A 325 -4.61 18.30 -1.81
C VAL A 325 -4.08 18.25 -3.24
N GLY A 326 -3.41 19.32 -3.67
CA GLY A 326 -2.80 19.31 -4.99
C GLY A 326 -1.73 18.24 -5.13
N SER A 327 -0.93 18.03 -4.08
CA SER A 327 0.05 16.95 -4.09
C SER A 327 -0.63 15.59 -4.20
N GLY A 328 -1.76 15.43 -3.51
CA GLY A 328 -2.52 14.20 -3.65
C GLY A 328 -3.04 13.99 -5.06
N VAL A 329 -3.48 15.07 -5.70
CA VAL A 329 -3.94 14.99 -7.09
C VAL A 329 -2.80 14.57 -8.01
N VAL A 330 -1.61 15.15 -7.81
CA VAL A 330 -0.45 14.77 -8.58
C VAL A 330 -0.11 13.29 -8.35
N ASN A 331 -0.21 12.84 -7.10
CA ASN A 331 0.00 11.44 -6.78
C ASN A 331 -0.97 10.55 -7.54
N ILE A 332 -2.25 10.92 -7.57
CA ILE A 332 -3.25 10.13 -8.26
C ILE A 332 -2.93 10.05 -9.75
N VAL A 333 -2.63 11.20 -10.37
CA VAL A 333 -2.37 11.22 -11.80
C VAL A 333 -1.13 10.40 -12.13
N MET A 334 -0.08 10.52 -11.32
CA MET A 334 1.16 9.80 -11.60
C MET A 334 0.97 8.31 -11.40
N THR A 335 0.20 7.89 -10.39
CA THR A 335 -0.06 6.46 -10.20
C THR A 335 -0.86 5.90 -11.37
N ILE A 336 -1.85 6.65 -11.86
CA ILE A 336 -2.63 6.17 -13.00
C ILE A 336 -1.75 6.07 -14.25
N THR A 337 -0.88 7.06 -14.47
CA THR A 337 -0.01 7.00 -15.64
C THR A 337 1.02 5.89 -15.50
N SER A 338 1.42 5.56 -14.27
CA SER A 338 2.29 4.41 -14.06
C SER A 338 1.55 3.11 -14.39
N ALA A 339 0.27 3.02 -14.00
CA ALA A 339 -0.53 1.86 -14.37
C ALA A 339 -0.62 1.73 -15.88
N VAL A 340 -0.77 2.85 -16.58
CA VAL A 340 -0.86 2.82 -18.04
C VAL A 340 0.48 2.39 -18.65
N LEU A 341 1.59 2.90 -18.11
CA LEU A 341 2.90 2.70 -18.71
C LEU A 341 3.62 1.44 -18.24
N VAL A 342 3.07 0.70 -17.28
CA VAL A 342 3.72 -0.54 -16.84
C VAL A 342 3.84 -1.51 -18.01
N GLU A 343 2.78 -1.65 -18.79
CA GLU A 343 2.75 -2.59 -19.90
C GLU A 343 3.37 -2.05 -21.17
N ARG A 344 3.88 -0.82 -21.15
CA ARG A 344 4.55 -0.23 -22.30
C ARG A 344 6.04 -0.07 -22.09
N LEU A 345 6.45 0.58 -21.00
CA LEU A 345 7.86 0.79 -20.70
C LEU A 345 8.46 -0.30 -19.81
N GLY A 346 7.64 -1.23 -19.31
CA GLY A 346 8.13 -2.28 -18.46
C GLY A 346 8.19 -1.88 -16.99
N ARG A 347 8.62 -2.83 -16.18
CA ARG A 347 8.69 -2.64 -14.73
C ARG A 347 10.05 -2.14 -14.27
N ARG A 348 11.13 -2.71 -14.81
CA ARG A 348 12.47 -2.27 -14.41
C ARG A 348 12.71 -0.82 -14.77
N HIS A 349 12.27 -0.41 -15.96
CA HIS A 349 12.45 0.99 -16.37
C HIS A 349 11.72 1.93 -15.43
N LEU A 350 10.49 1.59 -15.05
CA LEU A 350 9.73 2.44 -14.14
C LEU A 350 10.38 2.50 -12.77
N LEU A 351 10.84 1.36 -12.25
CA LEU A 351 11.51 1.36 -10.94
C LEU A 351 12.75 2.24 -10.97
N LEU A 352 13.59 2.08 -12.00
CA LEU A 352 14.81 2.86 -12.08
C LEU A 352 14.51 4.35 -12.23
N ALA A 353 13.55 4.70 -13.09
CA ALA A 353 13.21 6.11 -13.29
C ALA A 353 12.67 6.73 -12.01
N GLY A 354 11.77 6.02 -11.32
CA GLY A 354 11.21 6.55 -10.09
C GLY A 354 12.26 6.74 -9.02
N TYR A 355 13.14 5.76 -8.84
CA TYR A 355 14.15 5.88 -7.79
C TYR A 355 15.18 6.95 -8.14
N GLY A 356 15.53 7.10 -9.43
CA GLY A 356 16.43 8.17 -9.81
C GLY A 356 15.83 9.55 -9.59
N ILE A 357 14.54 9.71 -9.93
CA ILE A 357 13.86 10.98 -9.68
C ILE A 357 13.80 11.27 -8.19
N CYS A 358 13.51 10.25 -7.38
CA CYS A 358 13.48 10.45 -5.93
C CYS A 358 14.85 10.87 -5.40
N GLY A 359 15.92 10.22 -5.87
CA GLY A 359 17.26 10.58 -5.42
C GLY A 359 17.65 12.00 -5.82
N SER A 360 17.39 12.36 -7.08
CA SER A 360 17.71 13.71 -7.52
C SER A 360 16.89 14.75 -6.76
N ALA A 361 15.61 14.48 -6.53
CA ALA A 361 14.78 15.40 -5.77
C ALA A 361 15.29 15.55 -4.34
N CYS A 362 15.69 14.45 -3.71
CA CYS A 362 16.23 14.54 -2.36
C CYS A 362 17.51 15.36 -2.34
N LEU A 363 18.39 15.16 -3.34
CA LEU A 363 19.64 15.92 -3.38
C LEU A 363 19.38 17.41 -3.52
N VAL A 364 18.57 17.79 -4.51
CA VAL A 364 18.31 19.21 -4.73
C VAL A 364 17.53 19.81 -3.57
N LEU A 365 16.69 19.00 -2.92
CA LEU A 365 15.95 19.49 -1.75
C LEU A 365 16.87 19.74 -0.58
N THR A 366 17.87 18.86 -0.38
CA THR A 366 18.90 19.14 0.61
C THR A 366 19.62 20.44 0.29
N VAL A 367 19.95 20.64 -0.99
CA VAL A 367 20.66 21.85 -1.39
C VAL A 367 19.84 23.09 -1.05
N VAL A 368 18.56 23.09 -1.42
CA VAL A 368 17.73 24.28 -1.21
C VAL A 368 17.47 24.49 0.28
N LEU A 369 17.25 23.41 1.04
CA LEU A 369 17.05 23.56 2.47
C LEU A 369 18.28 24.13 3.15
N LEU A 370 19.47 23.72 2.71
CA LEU A 370 20.70 24.30 3.26
C LEU A 370 20.84 25.76 2.88
N PHE A 371 20.47 26.11 1.65
CA PHE A 371 20.65 27.47 1.14
C PHE A 371 19.33 28.24 1.06
N GLN A 372 18.32 27.86 1.85
CA GLN A 372 17.04 28.55 1.80
C GLN A 372 17.13 29.96 2.38
N ASN A 373 17.81 30.12 3.51
CA ASN A 373 17.85 31.41 4.19
C ASN A 373 18.55 32.46 3.36
N ARG A 374 19.69 32.10 2.74
CA ARG A 374 20.48 33.10 2.02
C ARG A 374 19.75 33.61 0.78
N VAL A 375 19.18 32.70 0.00
CA VAL A 375 18.50 33.04 -1.25
C VAL A 375 17.04 32.64 -1.13
N PRO A 376 16.15 33.61 -0.88
CA PRO A 376 14.71 33.29 -0.84
C PRO A 376 14.16 32.84 -2.19
N GLU A 377 14.85 33.12 -3.29
CA GLU A 377 14.37 32.73 -4.60
C GLU A 377 14.43 31.22 -4.81
N LEU A 378 15.10 30.48 -3.93
CA LEU A 378 15.20 29.04 -4.06
C LEU A 378 13.93 28.30 -3.63
N SER A 379 12.93 29.03 -3.08
CA SER A 379 11.72 28.37 -2.62
C SER A 379 10.94 27.75 -3.77
N TYR A 380 10.96 28.37 -4.94
CA TYR A 380 10.30 27.79 -6.11
C TYR A 380 10.94 26.47 -6.49
N LEU A 381 12.28 26.41 -6.49
CA LEU A 381 12.96 25.16 -6.74
C LEU A 381 12.64 24.14 -5.66
N GLY A 382 12.52 24.59 -4.42
CA GLY A 382 12.19 23.67 -3.34
C GLY A 382 10.83 23.02 -3.50
N ILE A 383 9.82 23.83 -3.82
CA ILE A 383 8.47 23.28 -4.00
C ILE A 383 8.41 22.41 -5.26
N ILE A 384 9.14 22.81 -6.31
CA ILE A 384 9.23 21.96 -7.50
C ILE A 384 9.85 20.62 -7.14
N CYS A 385 10.87 20.62 -6.29
CA CYS A 385 11.52 19.37 -5.90
C CYS A 385 10.60 18.51 -5.04
N VAL A 386 9.82 19.13 -4.17
CA VAL A 386 8.87 18.37 -3.36
C VAL A 386 7.84 17.69 -4.26
N PHE A 387 7.27 18.44 -5.20
CA PHE A 387 6.30 17.85 -6.12
C PHE A 387 6.95 16.78 -7.01
N ALA A 388 8.21 17.01 -7.41
CA ALA A 388 8.91 16.04 -8.23
C ALA A 388 9.14 14.74 -7.47
N TYR A 389 9.49 14.84 -6.19
CA TYR A 389 9.63 13.64 -5.36
C TYR A 389 8.30 12.92 -5.24
N ILE A 390 7.22 13.67 -5.01
CA ILE A 390 5.90 13.06 -4.87
C ILE A 390 5.59 12.26 -6.14
N ALA A 391 5.75 12.90 -7.30
CA ALA A 391 5.45 12.26 -8.57
C ALA A 391 6.34 11.04 -8.80
N GLY A 392 7.65 11.20 -8.58
CA GLY A 392 8.59 10.13 -8.87
C GLY A 392 8.39 8.92 -7.98
N HIS A 393 8.11 9.15 -6.70
CA HIS A 393 7.84 8.05 -5.80
C HIS A 393 6.51 7.40 -6.16
N SER A 394 5.55 8.20 -6.62
CA SER A 394 4.26 7.66 -7.01
C SER A 394 4.39 6.73 -8.22
N ILE A 395 5.20 7.10 -9.20
CA ILE A 395 5.24 6.33 -10.45
C ILE A 395 6.04 5.05 -10.26
N GLY A 396 7.32 5.17 -9.92
CA GLY A 396 8.20 4.01 -9.85
C GLY A 396 8.07 3.17 -8.60
N PRO A 397 8.49 3.71 -7.46
CA PRO A 397 8.61 2.89 -6.24
C PRO A 397 7.31 2.52 -5.57
N SER A 398 6.19 3.17 -5.83
CA SER A 398 4.98 2.80 -5.12
C SER A 398 4.29 1.56 -5.71
N PRO A 399 3.82 1.59 -6.96
CA PRO A 399 2.98 0.47 -7.44
C PRO A 399 3.77 -0.69 -8.04
N VAL A 400 4.94 -0.43 -8.62
CA VAL A 400 5.72 -1.45 -9.31
C VAL A 400 6.16 -2.55 -8.33
N PRO A 401 6.59 -2.25 -7.10
CA PRO A 401 6.81 -3.35 -6.14
C PRO A 401 5.57 -4.18 -5.89
N SER A 402 4.38 -3.58 -5.83
CA SER A 402 3.17 -4.36 -5.68
C SER A 402 2.95 -5.28 -6.86
N VAL A 403 3.25 -4.80 -8.07
CA VAL A 403 3.15 -5.64 -9.26
C VAL A 403 4.18 -6.75 -9.28
N VAL A 404 5.40 -6.48 -8.83
CA VAL A 404 6.52 -7.40 -8.97
C VAL A 404 6.53 -8.46 -7.88
N ARG A 405 6.01 -8.13 -6.69
CA ARG A 405 6.03 -9.07 -5.57
C ARG A 405 5.28 -10.36 -5.87
N THR A 406 4.31 -10.30 -6.80
CA THR A 406 3.55 -11.47 -7.18
C THR A 406 4.02 -12.09 -8.50
N GLU A 407 4.67 -11.33 -9.36
CA GLU A 407 5.14 -11.87 -10.63
C GLU A 407 6.26 -12.89 -10.43
N ILE A 408 7.15 -12.62 -9.48
CA ILE A 408 8.36 -13.43 -9.35
C ILE A 408 8.03 -14.84 -8.89
N PHE A 409 7.23 -14.96 -7.83
CA PHE A 409 7.04 -16.23 -7.14
C PHE A 409 5.98 -17.09 -7.82
N LEU A 410 6.06 -18.39 -7.57
CA LEU A 410 5.11 -19.35 -8.12
C LEU A 410 3.84 -19.33 -7.25
N GLN A 411 2.98 -20.32 -7.47
CA GLN A 411 1.66 -20.31 -6.84
C GLN A 411 1.75 -20.59 -5.34
N SER A 412 2.25 -21.77 -4.97
CA SER A 412 2.20 -22.19 -3.58
C SER A 412 3.17 -21.40 -2.71
N SER A 413 4.30 -20.98 -3.27
CA SER A 413 5.27 -20.19 -2.52
C SER A 413 4.79 -18.76 -2.29
N ARG A 414 3.71 -18.35 -2.96
CA ARG A 414 3.25 -16.96 -2.87
C ARG A 414 2.83 -16.61 -1.46
N ARG A 415 2.24 -17.54 -0.73
CA ARG A 415 1.79 -17.25 0.62
C ARG A 415 2.96 -16.86 1.53
N ALA A 416 4.01 -17.68 1.55
CA ALA A 416 5.18 -17.38 2.37
C ALA A 416 5.88 -16.12 1.88
N ALA A 417 6.01 -15.95 0.56
CA ALA A 417 6.68 -14.77 0.03
C ALA A 417 5.94 -13.51 0.43
N PHE A 418 4.61 -13.51 0.33
CA PHE A 418 3.82 -12.34 0.71
C PHE A 418 3.84 -12.12 2.21
N MET A 419 3.87 -13.18 3.01
CA MET A 419 4.01 -13.00 4.45
C MET A 419 5.29 -12.25 4.78
N VAL A 420 6.42 -12.71 4.23
CA VAL A 420 7.69 -12.03 4.51
C VAL A 420 7.67 -10.61 3.98
N ASP A 421 7.16 -10.41 2.76
CA ASP A 421 7.17 -9.09 2.14
C ASP A 421 6.33 -8.10 2.95
N GLY A 422 5.12 -8.51 3.34
CA GLY A 422 4.26 -7.62 4.10
C GLY A 422 4.82 -7.34 5.49
N ALA A 423 5.39 -8.36 6.13
CA ALA A 423 6.00 -8.14 7.44
C ALA A 423 7.11 -7.10 7.34
N VAL A 424 7.99 -7.24 6.35
CA VAL A 424 9.06 -6.28 6.17
C VAL A 424 8.52 -4.89 5.87
N HIS A 425 7.51 -4.80 5.00
CA HIS A 425 6.96 -3.51 4.62
C HIS A 425 6.38 -2.78 5.83
N TRP A 426 5.52 -3.45 6.59
CA TRP A 426 4.91 -2.81 7.75
C TRP A 426 5.93 -2.50 8.84
N LEU A 427 6.89 -3.39 9.05
CA LEU A 427 7.91 -3.15 10.07
C LEU A 427 8.75 -1.92 9.73
N THR A 428 9.18 -1.82 8.47
CA THR A 428 9.94 -0.64 8.05
C THR A 428 9.09 0.62 8.15
N ASN A 429 7.81 0.53 7.78
CA ASN A 429 6.91 1.67 7.91
C ASN A 429 6.89 2.18 9.34
N PHE A 430 6.62 1.29 10.29
CA PHE A 430 6.52 1.71 11.69
C PHE A 430 7.85 2.24 12.21
N ILE A 431 8.96 1.55 11.88
CA ILE A 431 10.26 1.94 12.41
C ILE A 431 10.62 3.34 11.92
N ILE A 432 10.52 3.57 10.61
CA ILE A 432 10.89 4.88 10.09
C ILE A 432 9.92 5.95 10.57
N GLY A 433 8.66 5.61 10.77
CA GLY A 433 7.72 6.59 11.28
C GLY A 433 8.05 7.12 12.65
N PHE A 434 8.67 6.30 13.49
CA PHE A 434 8.96 6.73 14.85
C PHE A 434 10.44 6.90 15.06
N LEU A 435 11.09 7.51 14.09
CA LEU A 435 12.50 7.77 14.22
C LEU A 435 12.80 9.09 13.58
N PHE A 436 12.22 9.34 12.42
CA PHE A 436 12.53 10.57 11.71
C PHE A 436 12.39 11.75 12.63
N PRO A 437 11.38 11.73 13.52
CA PRO A 437 11.33 12.91 14.37
C PRO A 437 12.70 13.19 14.98
N SER A 438 13.31 12.20 15.60
CA SER A 438 14.60 12.41 16.24
C SER A 438 15.66 12.74 15.22
N ILE A 439 15.68 12.02 14.12
CA ILE A 439 16.67 12.24 13.09
C ILE A 439 16.58 13.66 12.57
N GLN A 440 15.37 14.14 12.36
CA GLN A 440 15.19 15.48 11.81
C GLN A 440 15.94 16.41 12.68
N GLU A 441 15.82 16.22 13.98
CA GLU A 441 16.50 17.08 14.93
C GLU A 441 17.97 16.77 15.02
N ALA A 442 18.30 15.50 15.25
CA ALA A 442 19.70 15.17 15.43
C ALA A 442 20.56 15.58 14.25
N ILE A 443 20.00 15.59 13.04
CA ILE A 443 20.85 15.71 11.85
C ILE A 443 20.63 17.02 11.10
N GLY A 444 19.42 17.56 11.12
CA GLY A 444 19.14 18.74 10.33
C GLY A 444 18.47 18.39 9.01
N ALA A 445 18.95 18.96 7.92
CA ALA A 445 18.44 18.64 6.60
C ALA A 445 19.24 17.55 5.90
N TYR A 446 20.31 17.08 6.52
CA TYR A 446 21.11 16.10 5.84
C TYR A 446 20.38 14.80 5.95
N SER A 447 19.19 14.84 6.51
CA SER A 447 18.39 13.62 6.56
C SER A 447 18.12 13.25 5.13
N PHE A 448 17.94 14.25 4.29
CA PHE A 448 17.61 13.98 2.90
C PHE A 448 18.75 13.31 2.16
N ILE A 449 19.99 13.57 2.54
CA ILE A 449 21.11 12.87 1.91
C ILE A 449 21.07 11.40 2.29
N ILE A 450 20.73 11.10 3.53
CA ILE A 450 20.61 9.70 3.89
C ILE A 450 19.60 9.07 2.97
N PHE A 451 18.42 9.66 2.85
CA PHE A 451 17.38 9.05 2.05
C PHE A 451 17.83 8.95 0.59
N ALA A 452 18.46 9.98 0.06
CA ALA A 452 18.89 9.96 -1.34
C ALA A 452 20.06 9.03 -1.48
N GLY A 453 20.56 8.55 -0.37
CA GLY A 453 21.62 7.58 -0.45
C GLY A 453 20.86 6.30 -0.52
N ILE A 454 19.96 6.10 0.43
CA ILE A 454 19.16 4.87 0.47
C ILE A 454 18.50 4.64 -0.88
N CYS A 455 17.95 5.69 -1.49
CA CYS A 455 17.32 5.54 -2.80
C CYS A 455 18.34 5.13 -3.86
N LEU A 456 19.54 5.71 -3.81
CA LEU A 456 20.58 5.34 -4.76
C LEU A 456 20.98 3.88 -4.60
N LEU A 457 21.14 3.42 -3.35
CA LEU A 457 21.48 2.03 -3.11
C LEU A 457 20.39 1.09 -3.64
N THR A 458 19.13 1.44 -3.37
CA THR A 458 18.02 0.60 -3.83
C THR A 458 17.96 0.56 -5.35
N ALA A 459 18.17 1.70 -6.02
CA ALA A 459 18.17 1.72 -7.47
C ALA A 459 19.32 0.91 -8.03
N ILE A 460 20.49 0.98 -7.40
CA ILE A 460 21.64 0.18 -7.86
C ILE A 460 21.32 -1.30 -7.74
N TYR A 461 20.72 -1.72 -6.61
CA TYR A 461 20.38 -3.13 -6.46
C TYR A 461 19.35 -3.56 -7.50
N ILE A 462 18.35 -2.71 -7.76
CA ILE A 462 17.32 -3.06 -8.74
C ILE A 462 17.94 -3.20 -10.12
N TYR A 463 18.83 -2.29 -10.50
CA TYR A 463 19.50 -2.41 -11.79
C TYR A 463 20.34 -3.67 -11.87
N VAL A 464 21.05 -4.00 -10.79
CA VAL A 464 21.97 -5.13 -10.82
C VAL A 464 21.22 -6.46 -10.88
N VAL A 465 20.18 -6.61 -10.05
CA VAL A 465 19.61 -7.93 -9.78
C VAL A 465 18.31 -8.15 -10.55
N ILE A 466 17.30 -7.34 -10.28
CA ILE A 466 15.94 -7.60 -10.74
C ILE A 466 15.89 -7.54 -12.27
N PRO A 467 15.44 -8.61 -12.94
CA PRO A 467 15.31 -8.56 -14.40
C PRO A 467 13.95 -8.05 -14.83
N GLU A 468 13.71 -8.05 -16.15
CA GLU A 468 12.44 -7.58 -16.70
C GLU A 468 11.47 -8.76 -16.81
N THR A 469 10.26 -8.59 -16.28
CA THR A 469 9.26 -9.65 -16.24
C THR A 469 7.99 -9.26 -16.99
N LYS A 470 8.06 -8.30 -17.92
CA LYS A 470 6.86 -7.85 -18.61
C LYS A 470 6.46 -8.86 -19.68
N GLY A 471 5.17 -9.20 -19.71
CA GLY A 471 4.64 -10.09 -20.72
C GLY A 471 5.22 -11.49 -20.70
N LYS A 472 5.53 -11.99 -19.51
CA LYS A 472 6.10 -13.32 -19.36
C LYS A 472 5.34 -14.08 -18.28
N THR A 473 5.04 -15.34 -18.54
CA THR A 473 4.36 -16.16 -17.56
C THR A 473 5.31 -16.52 -16.42
N PHE A 474 4.74 -17.03 -15.33
CA PHE A 474 5.49 -17.19 -14.10
C PHE A 474 6.61 -18.22 -14.24
N VAL A 475 6.39 -19.25 -15.07
CA VAL A 475 7.44 -20.26 -15.27
C VAL A 475 8.66 -19.64 -15.93
N GLU A 476 8.45 -18.74 -16.88
CA GLU A 476 9.59 -18.09 -17.48
C GLU A 476 10.32 -17.26 -16.46
N ILE A 477 9.62 -16.38 -15.76
CA ILE A 477 10.28 -15.48 -14.80
C ILE A 477 11.06 -16.24 -13.74
N ASN A 478 10.60 -17.41 -13.35
CA ASN A 478 11.38 -18.22 -12.40
C ASN A 478 12.65 -18.70 -13.04
N ARG A 479 12.57 -19.07 -14.31
CA ARG A 479 13.76 -19.51 -15.02
C ARG A 479 14.79 -18.39 -15.11
N ILE A 480 14.34 -17.19 -15.40
CA ILE A 480 15.25 -16.07 -15.52
C ILE A 480 16.00 -15.85 -14.22
N PHE A 481 15.30 -15.95 -13.10
CA PHE A 481 15.95 -15.69 -11.81
C PHE A 481 16.97 -16.77 -11.52
N ALA A 482 16.68 -17.99 -11.93
CA ALA A 482 17.61 -19.09 -11.70
C ALA A 482 18.95 -18.80 -12.35
N LYS A 483 18.92 -18.37 -13.61
CA LYS A 483 20.16 -18.12 -14.32
C LYS A 483 20.94 -16.97 -13.70
N ARG A 484 20.23 -16.02 -13.10
CA ARG A 484 20.91 -14.89 -12.49
C ARG A 484 21.98 -15.44 -11.61
N ASN A 485 21.69 -16.56 -10.97
CA ASN A 485 22.66 -17.17 -10.07
C ASN A 485 22.57 -18.70 -10.12
C1 NAG B . -7.57 20.68 29.18
C2 NAG B . -6.84 20.49 27.86
C3 NAG B . -6.88 21.78 27.07
C4 NAG B . -7.56 22.93 27.84
C5 NAG B . -8.89 22.50 28.48
C6 NAG B . -10.04 22.71 27.52
C7 NAG B . -5.14 18.80 27.68
C8 NAG B . -5.66 17.66 28.50
N2 NAG B . -5.48 20.03 28.07
O1 NAG B . -7.66 19.44 29.87
O3 NAG B . -7.58 21.53 25.86
O4 NAG B . -6.67 23.45 28.84
O5 NAG B . -8.87 21.13 28.87
O6 NAG B . -11.25 22.33 28.20
O7 NAG B . -4.43 18.61 26.72
#